data_7PR8
#
_entry.id   7PR8
#
_cell.length_a   46.490
_cell.length_b   71.290
_cell.length_c   79.070
_cell.angle_alpha   90.000
_cell.angle_beta   95.200
_cell.angle_gamma   90.000
#
_symmetry.space_group_name_H-M   'P 1 21 1'
#
loop_
_entity.id
_entity.type
_entity.pdbx_description
1 polymer 'Heparanase 50 kDa subunit'
2 polymer 'Heparanase 8 kDa subunit'
3 branched alpha-L-fucopyranose-(1-6)-2-acetamido-2-deoxy-beta-D-glucopyranose
4 branched '2-acetamido-2-deoxy-6-O-sulfo-alpha-D-glucopyranose-(1-4)-(2R,3S,5R,6R)-2,3,4,5,6-pentakis(oxidanyl)cyclohexane-1-carboxylic acid'
5 non-polymer 2-acetamido-2-deoxy-beta-D-glucopyranose
6 non-polymer 1,2-ETHANEDIOL
7 non-polymer 'CHLORIDE ION'
8 water water
#
loop_
_entity_poly.entity_id
_entity_poly.type
_entity_poly.pdbx_seq_one_letter_code
_entity_poly.pdbx_strand_id
1 'polypeptide(L)'
;KFKNSTYSRSSVDVLYTFANCSGLDLIFGLNALLRTADLQWNSSNAQLLLDYCSSKGYNISWELGNEPNSFLKKADIFIN
GSQLGEDFIQLHKLLRKSTFKNAKLYGPDVGQPRRKTAKMLKSFLKAGGEVIDSVTWHHYYLNGRTATREDFLNPDVLDI
FISSVQKVFQVVESTRPGKKVWLGETSSAYGGGAPLLSDTFAAGFMWLDKLGLSARMGIEVVMRQVFFGAGNYHLVDENF
DPLPDYWLSLLFKKLVGTKVLMASVQGSKRRKLRVYLHCTNTDNPRYKEGDLTLYAINLHNVTKYLRLPYPFSNKQVDKY
LLRPLGPHGLLSKSVQLNGLTLKMVDDQTLPPLMEKPLRPGSSLGLPAFSYSFFVIRNAKVAACI
;
A
2 'polypeptide(L)' QDVVDLDFFTQEPLHLVSPSFLSVTIDANLATDPRFLILLGSPKLRTLARGLSPAYLRFGGTKTDFLIFDPKKE B
#
# COMPACT_ATOMS: atom_id res chain seq x y z
N LYS A 1 -11.46 -24.25 -8.22
CA LYS A 1 -10.34 -24.65 -9.12
C LYS A 1 -8.99 -24.57 -8.38
N PHE A 2 -8.97 -24.13 -7.11
CA PHE A 2 -7.74 -23.97 -6.30
C PHE A 2 -7.43 -25.28 -5.55
N LYS A 3 -6.17 -25.68 -5.61
CA LYS A 3 -5.65 -26.96 -5.05
C LYS A 3 -4.65 -26.63 -3.96
N ASN A 4 -4.62 -27.46 -2.92
CA ASN A 4 -3.61 -27.36 -1.86
C ASN A 4 -2.22 -27.50 -2.50
N SER A 5 -1.26 -26.72 -2.02
CA SER A 5 0.19 -26.86 -2.27
C SER A 5 0.88 -26.92 -0.91
N THR A 6 2.05 -27.55 -0.84
CA THR A 6 2.91 -27.52 0.38
C THR A 6 4.05 -26.55 0.14
N TYR A 7 4.62 -26.06 1.22
CA TYR A 7 5.84 -25.24 1.21
C TYR A 7 6.74 -25.73 2.34
N SER A 8 8.03 -25.49 2.19
CA SER A 8 9.13 -26.08 2.99
C SER A 8 9.67 -25.06 3.99
N ARG A 9 10.46 -25.54 4.96
CA ARG A 9 11.30 -24.68 5.81
C ARG A 9 12.13 -23.77 4.90
N SER A 10 12.70 -24.31 3.83
CA SER A 10 13.54 -23.55 2.86
C SER A 10 12.78 -22.30 2.40
N SER A 11 11.54 -22.47 1.93
CA SER A 11 10.64 -21.38 1.41
C SER A 11 10.40 -20.32 2.49
N VAL A 12 10.12 -20.77 3.71
CA VAL A 12 10.02 -19.86 4.88
C VAL A 12 11.32 -19.08 5.03
N ASP A 13 12.48 -19.74 5.01
CA ASP A 13 13.78 -19.05 5.18
C ASP A 13 14.03 -18.05 4.03
N VAL A 14 13.73 -18.41 2.79
CA VAL A 14 13.88 -17.52 1.61
C VAL A 14 13.07 -16.23 1.90
N LEU A 15 11.79 -16.41 2.24
CA LEU A 15 10.84 -15.29 2.52
C LEU A 15 11.38 -14.41 3.65
N TYR A 16 11.75 -15.03 4.78
CA TYR A 16 12.23 -14.30 5.97
C TYR A 16 13.53 -13.55 5.65
N THR A 17 14.47 -14.21 4.99
CA THR A 17 15.78 -13.62 4.66
C THR A 17 15.59 -12.41 3.75
N PHE A 18 14.72 -12.54 2.75
CA PHE A 18 14.40 -11.43 1.82
C PHE A 18 13.85 -10.24 2.62
N ALA A 19 12.89 -10.46 3.54
CA ALA A 19 12.32 -9.36 4.38
C ALA A 19 13.43 -8.78 5.25
N ASN A 20 14.15 -9.64 5.98
CA ASN A 20 15.16 -9.20 6.99
C ASN A 20 16.23 -8.36 6.31
N CYS A 21 16.79 -8.85 5.20
CA CYS A 21 17.91 -8.20 4.45
C CYS A 21 17.41 -6.94 3.75
N SER A 22 16.11 -6.79 3.52
CA SER A 22 15.55 -5.60 2.81
C SER A 22 15.02 -4.54 3.81
N GLY A 23 15.09 -4.78 5.11
CA GLY A 23 14.58 -3.89 6.17
C GLY A 23 13.05 -3.83 6.17
N LEU A 24 12.38 -4.90 5.74
CA LEU A 24 10.89 -4.97 5.77
C LEU A 24 10.43 -5.85 6.93
N ASP A 25 9.25 -5.55 7.44
CA ASP A 25 8.58 -6.28 8.55
C ASP A 25 7.61 -7.27 7.92
N LEU A 26 7.92 -8.57 8.02
CA LEU A 26 7.12 -9.65 7.42
C LEU A 26 5.81 -9.86 8.17
N ILE A 27 4.72 -9.94 7.40
CA ILE A 27 3.41 -10.42 7.89
C ILE A 27 3.10 -11.69 7.11
N PHE A 28 2.85 -12.79 7.80
CA PHE A 28 2.62 -14.10 7.18
C PHE A 28 1.16 -14.49 7.35
N GLY A 29 0.46 -14.66 6.22
CA GLY A 29 -0.94 -15.12 6.20
C GLY A 29 -1.04 -16.64 6.41
N LEU A 30 -1.74 -17.06 7.46
CA LEU A 30 -1.93 -18.49 7.78
C LEU A 30 -3.19 -18.98 7.07
N ASN A 31 -3.22 -20.27 6.74
CA ASN A 31 -4.35 -20.95 6.06
C ASN A 31 -5.55 -21.08 7.00
N ALA A 32 -6.67 -20.42 6.67
CA ALA A 32 -7.91 -20.45 7.47
C ALA A 32 -8.87 -21.53 6.95
N LEU A 33 -8.56 -22.24 5.88
CA LEU A 33 -9.50 -23.26 5.35
C LEU A 33 -9.17 -24.63 5.94
N LEU A 34 -8.21 -24.73 6.87
CA LEU A 34 -7.95 -26.00 7.61
C LEU A 34 -8.94 -26.05 8.77
N ARG A 35 -9.94 -26.94 8.65
CA ARG A 35 -11.16 -26.94 9.49
C ARG A 35 -11.35 -28.28 10.22
N THR A 36 -11.94 -28.28 11.40
CA THR A 36 -12.34 -29.52 12.11
C THR A 36 -13.71 -29.97 11.62
N ALA A 37 -14.18 -31.13 12.09
CA ALA A 37 -15.55 -31.65 11.87
C ALA A 37 -16.56 -30.50 12.00
N ASP A 38 -16.58 -29.79 13.14
CA ASP A 38 -17.60 -28.76 13.46
C ASP A 38 -17.21 -27.38 12.90
N LEU A 39 -16.47 -27.32 11.78
CA LEU A 39 -16.05 -26.09 11.07
C LEU A 39 -15.38 -25.07 12.02
N GLN A 40 -14.65 -25.54 13.04
CA GLN A 40 -13.67 -24.72 13.79
C GLN A 40 -12.37 -24.66 12.99
N TRP A 41 -11.57 -23.62 13.17
CA TRP A 41 -10.23 -23.60 12.58
C TRP A 41 -9.38 -24.73 13.22
N ASN A 42 -8.76 -25.58 12.41
CA ASN A 42 -7.75 -26.57 12.87
C ASN A 42 -6.37 -25.90 12.80
N SER A 43 -5.83 -25.56 13.97
CA SER A 43 -4.60 -24.77 14.17
C SER A 43 -3.34 -25.64 14.16
N SER A 44 -3.45 -26.95 13.93
CA SER A 44 -2.30 -27.88 14.10
C SER A 44 -1.19 -27.54 13.09
N ASN A 45 -1.52 -27.16 11.84
CA ASN A 45 -0.50 -26.84 10.81
C ASN A 45 0.18 -25.53 11.20
N ALA A 46 -0.61 -24.51 11.54
CA ALA A 46 -0.07 -23.23 12.07
C ALA A 46 0.88 -23.51 13.25
N GLN A 47 0.52 -24.44 14.12
CA GLN A 47 1.36 -24.75 15.32
C GLN A 47 2.76 -25.16 14.85
N LEU A 48 2.82 -26.02 13.84
CA LEU A 48 4.11 -26.51 13.28
C LEU A 48 4.92 -25.31 12.79
N LEU A 49 4.27 -24.36 12.10
CA LEU A 49 4.98 -23.20 11.52
C LEU A 49 5.43 -22.29 12.66
N LEU A 50 4.57 -22.01 13.65
CA LEU A 50 4.92 -21.13 14.78
C LEU A 50 6.15 -21.69 15.49
N ASP A 51 6.20 -23.02 15.65
CA ASP A 51 7.30 -23.74 16.33
C ASP A 51 8.57 -23.62 15.51
N TYR A 52 8.49 -23.84 14.19
CA TYR A 52 9.67 -23.70 13.31
C TYR A 52 10.18 -22.26 13.41
N CYS A 53 9.30 -21.26 13.25
CA CYS A 53 9.70 -19.83 13.21
C CYS A 53 10.34 -19.47 14.56
N SER A 54 9.74 -19.93 15.67
CA SER A 54 10.26 -19.76 17.06
C SER A 54 11.69 -20.30 17.15
N SER A 55 11.94 -21.51 16.62
CA SER A 55 13.24 -22.22 16.68
C SER A 55 14.29 -21.44 15.90
N LYS A 56 13.88 -20.60 14.93
CA LYS A 56 14.85 -19.84 14.11
C LYS A 56 14.96 -18.40 14.62
N GLY A 57 14.16 -18.00 15.61
CA GLY A 57 14.18 -16.64 16.18
C GLY A 57 13.66 -15.62 15.17
N TYR A 58 12.67 -15.99 14.37
CA TYR A 58 12.05 -15.15 13.32
C TYR A 58 11.05 -14.19 14.00
N ASN A 59 11.23 -12.88 13.81
CA ASN A 59 10.31 -11.81 14.29
C ASN A 59 9.25 -11.63 13.18
N ILE A 60 8.08 -12.23 13.36
CA ILE A 60 7.06 -12.27 12.28
C ILE A 60 5.72 -11.85 12.88
N SER A 61 4.93 -11.13 12.08
CA SER A 61 3.53 -10.77 12.37
C SER A 61 2.62 -11.69 11.55
N TRP A 62 1.39 -11.86 12.03
CA TRP A 62 0.49 -12.90 11.50
C TRP A 62 -0.83 -12.33 10.99
N GLU A 63 -1.34 -13.01 9.97
CA GLU A 63 -2.75 -12.91 9.48
C GLU A 63 -3.32 -14.32 9.41
N LEU A 64 -4.64 -14.40 9.36
CA LEU A 64 -5.32 -15.71 9.20
C LEU A 64 -6.42 -15.53 8.16
N GLY A 65 -6.21 -16.15 7.02
CA GLY A 65 -7.13 -16.11 5.87
C GLY A 65 -6.97 -14.85 5.04
N ASN A 66 -7.45 -14.95 3.79
CA ASN A 66 -7.42 -13.94 2.73
C ASN A 66 -8.81 -13.88 2.11
N GLU A 67 -9.47 -12.73 2.17
CA GLU A 67 -10.83 -12.55 1.57
C GLU A 67 -11.72 -13.72 1.95
N PRO A 68 -12.00 -13.88 3.27
CA PRO A 68 -12.85 -14.98 3.74
C PRO A 68 -14.29 -14.82 3.22
N ASN A 69 -14.67 -13.61 2.83
CA ASN A 69 -15.99 -13.32 2.21
C ASN A 69 -16.20 -14.17 0.93
N SER A 70 -15.14 -14.64 0.28
CA SER A 70 -15.25 -15.42 -0.98
C SER A 70 -14.85 -16.89 -0.80
N PHE A 71 -14.83 -17.40 0.42
CA PHE A 71 -14.50 -18.83 0.69
C PHE A 71 -15.51 -19.76 0.01
N LEU A 72 -16.78 -19.40 0.00
CA LEU A 72 -17.81 -20.30 -0.59
C LEU A 72 -17.51 -20.43 -2.10
N LYS A 73 -17.24 -19.34 -2.79
CA LYS A 73 -16.84 -19.34 -4.21
C LYS A 73 -15.53 -20.14 -4.40
N LYS A 74 -14.53 -19.99 -3.55
CA LYS A 74 -13.17 -20.52 -3.81
C LYS A 74 -13.07 -21.99 -3.38
N ALA A 75 -13.77 -22.42 -2.33
CA ALA A 75 -13.57 -23.73 -1.67
C ALA A 75 -14.89 -24.37 -1.23
N ASP A 76 -16.05 -23.81 -1.61
CA ASP A 76 -17.37 -24.35 -1.21
C ASP A 76 -17.46 -24.54 0.31
N ILE A 77 -16.81 -23.64 1.06
CA ILE A 77 -16.90 -23.62 2.53
C ILE A 77 -17.37 -22.22 2.91
N PHE A 78 -18.44 -22.12 3.69
CA PHE A 78 -18.86 -20.82 4.23
C PHE A 78 -18.42 -20.73 5.70
N ILE A 79 -17.56 -19.77 6.01
CA ILE A 79 -17.20 -19.42 7.41
C ILE A 79 -17.82 -18.07 7.71
N ASN A 80 -18.69 -17.95 8.71
CA ASN A 80 -19.32 -16.64 9.05
C ASN A 80 -18.31 -15.83 9.89
N GLY A 81 -18.50 -14.51 9.99
CA GLY A 81 -17.60 -13.62 10.72
C GLY A 81 -17.46 -13.99 12.19
N SER A 82 -18.56 -14.37 12.85
CA SER A 82 -18.52 -14.85 14.27
C SER A 82 -17.49 -15.97 14.44
N GLN A 83 -17.56 -17.02 13.62
CA GLN A 83 -16.67 -18.21 13.69
C GLN A 83 -15.23 -17.75 13.42
N LEU A 84 -15.05 -16.91 12.39
CA LEU A 84 -13.70 -16.40 12.02
C LEU A 84 -13.13 -15.65 13.20
N GLY A 85 -13.96 -14.82 13.87
CA GLY A 85 -13.54 -14.12 15.09
C GLY A 85 -13.03 -15.12 16.13
N GLU A 86 -13.77 -16.21 16.31
CA GLU A 86 -13.36 -17.25 17.29
C GLU A 86 -12.03 -17.89 16.85
N ASP A 87 -11.88 -18.14 15.55
CA ASP A 87 -10.62 -18.67 14.95
C ASP A 87 -9.45 -17.75 15.30
N PHE A 88 -9.62 -16.45 15.12
CA PHE A 88 -8.56 -15.46 15.47
C PHE A 88 -8.24 -15.51 16.97
N ILE A 89 -9.25 -15.65 17.82
CA ILE A 89 -9.04 -15.78 19.29
C ILE A 89 -8.16 -17.03 19.53
N GLN A 90 -8.42 -18.13 18.83
CA GLN A 90 -7.57 -19.35 18.98
C GLN A 90 -6.14 -19.07 18.53
N LEU A 91 -5.93 -18.35 17.40
CA LEU A 91 -4.57 -18.02 16.94
C LEU A 91 -3.92 -17.14 18.00
N HIS A 92 -4.63 -16.16 18.53
CA HIS A 92 -4.06 -15.24 19.54
C HIS A 92 -3.56 -16.07 20.74
N LYS A 93 -4.31 -17.09 21.14
CA LYS A 93 -3.89 -17.94 22.30
C LYS A 93 -2.58 -18.65 21.96
N LEU A 94 -2.43 -19.15 20.73
CA LEU A 94 -1.17 -19.83 20.30
C LEU A 94 -0.02 -18.84 20.29
N LEU A 95 -0.23 -17.65 19.77
CA LEU A 95 0.85 -16.65 19.75
C LEU A 95 1.30 -16.35 21.17
N ARG A 96 0.34 -16.20 22.08
CA ARG A 96 0.62 -15.82 23.49
C ARG A 96 1.48 -16.91 24.17
N LYS A 97 1.40 -18.14 23.71
CA LYS A 97 2.16 -19.30 24.29
C LYS A 97 3.44 -19.56 23.52
N SER A 98 3.79 -18.70 22.56
CA SER A 98 4.97 -18.85 21.67
C SER A 98 6.10 -18.02 22.24
N THR A 99 7.30 -18.14 21.66
CA THR A 99 8.53 -17.40 22.05
C THR A 99 8.35 -15.89 21.83
N PHE A 100 7.59 -15.51 20.79
CA PHE A 100 7.20 -14.10 20.49
C PHE A 100 5.72 -13.92 20.88
N LYS A 101 5.52 -13.78 22.20
CA LYS A 101 4.19 -13.73 22.86
C LYS A 101 3.55 -12.38 22.56
N ASN A 102 4.31 -11.40 22.06
CA ASN A 102 3.82 -10.04 21.77
C ASN A 102 3.72 -9.86 20.24
N ALA A 103 3.89 -10.92 19.45
CA ALA A 103 3.72 -10.90 17.99
C ALA A 103 2.38 -10.20 17.67
N LYS A 104 2.32 -9.41 16.59
CA LYS A 104 1.05 -8.75 16.19
C LYS A 104 0.24 -9.70 15.30
N LEU A 105 -1.07 -9.49 15.31
CA LEU A 105 -2.11 -10.26 14.61
C LEU A 105 -3.02 -9.25 13.88
N TYR A 106 -3.17 -9.42 12.58
CA TYR A 106 -4.01 -8.52 11.75
C TYR A 106 -5.06 -9.36 11.04
N GLY A 107 -6.22 -8.74 10.80
CA GLY A 107 -7.22 -9.38 9.95
C GLY A 107 -8.48 -8.54 9.92
N PRO A 108 -9.56 -9.01 9.25
CA PRO A 108 -9.58 -10.31 8.57
C PRO A 108 -9.33 -10.35 7.05
N ASP A 109 -8.81 -9.26 6.50
CA ASP A 109 -8.40 -9.20 5.08
C ASP A 109 -9.64 -9.45 4.23
N VAL A 110 -10.72 -8.79 4.57
CA VAL A 110 -11.96 -8.87 3.75
C VAL A 110 -11.80 -7.99 2.51
N GLY A 111 -12.59 -8.28 1.49
CA GLY A 111 -12.69 -7.40 0.31
C GLY A 111 -13.43 -6.14 0.65
N GLN A 112 -13.67 -5.32 -0.35
CA GLN A 112 -14.25 -3.99 -0.13
C GLN A 112 -15.70 -4.17 0.30
N PRO A 113 -16.25 -3.18 1.02
CA PRO A 113 -17.47 -3.34 1.80
C PRO A 113 -18.82 -3.30 1.09
N ARG A 114 -19.03 -4.26 0.19
CA ARG A 114 -20.37 -4.70 -0.27
C ARG A 114 -21.16 -5.19 0.94
N ARG A 115 -22.48 -5.30 0.81
CA ARG A 115 -23.39 -5.56 1.95
C ARG A 115 -22.96 -6.84 2.69
N LYS A 116 -22.70 -7.92 1.95
CA LYS A 116 -22.37 -9.22 2.59
C LYS A 116 -20.98 -9.14 3.24
N THR A 117 -20.07 -8.33 2.70
CA THR A 117 -18.69 -8.23 3.24
C THR A 117 -18.73 -7.36 4.50
N ALA A 118 -19.52 -6.28 4.47
CA ALA A 118 -19.74 -5.38 5.64
C ALA A 118 -20.31 -6.19 6.81
N LYS A 119 -21.23 -7.11 6.53
CA LYS A 119 -21.86 -7.94 7.57
C LYS A 119 -20.81 -8.90 8.18
N MET A 120 -19.98 -9.48 7.34
CA MET A 120 -18.95 -10.44 7.81
C MET A 120 -17.94 -9.67 8.65
N LEU A 121 -17.57 -8.47 8.20
CA LEU A 121 -16.59 -7.66 8.94
C LEU A 121 -17.15 -7.27 10.31
N LYS A 122 -18.41 -6.89 10.36
CA LYS A 122 -19.05 -6.42 11.63
C LYS A 122 -19.07 -7.59 12.62
N SER A 123 -19.50 -8.77 12.18
CA SER A 123 -19.65 -9.95 13.08
C SER A 123 -18.27 -10.45 13.49
N PHE A 124 -17.29 -10.35 12.60
CA PHE A 124 -15.88 -10.68 12.89
C PHE A 124 -15.37 -9.74 13.98
N LEU A 125 -15.58 -8.42 13.85
CA LEU A 125 -15.02 -7.47 14.85
C LEU A 125 -15.78 -7.62 16.19
N LYS A 126 -17.06 -7.94 16.17
CA LYS A 126 -17.80 -8.19 17.46
C LYS A 126 -17.15 -9.37 18.20
N ALA A 127 -16.95 -10.49 17.52
CA ALA A 127 -16.43 -11.78 18.04
C ALA A 127 -14.94 -11.67 18.34
N GLY A 128 -14.15 -11.22 17.38
CA GLY A 128 -12.69 -11.37 17.37
C GLY A 128 -11.92 -10.07 17.50
N GLY A 129 -12.58 -8.91 17.50
CA GLY A 129 -11.89 -7.61 17.38
C GLY A 129 -10.95 -7.31 18.51
N GLU A 130 -11.12 -7.97 19.66
CA GLU A 130 -10.27 -7.68 20.82
C GLU A 130 -8.83 -8.12 20.53
N VAL A 131 -8.61 -9.19 19.76
CA VAL A 131 -7.27 -9.81 19.65
C VAL A 131 -6.52 -9.30 18.41
N ILE A 132 -7.11 -8.43 17.58
CA ILE A 132 -6.37 -7.94 16.38
C ILE A 132 -5.75 -6.59 16.70
N ASP A 133 -4.54 -6.35 16.18
CA ASP A 133 -3.81 -5.08 16.32
C ASP A 133 -4.28 -4.04 15.29
N SER A 134 -4.79 -4.50 14.15
CA SER A 134 -5.33 -3.60 13.08
C SER A 134 -6.36 -4.38 12.30
N VAL A 135 -7.31 -3.66 11.74
CA VAL A 135 -8.35 -4.18 10.85
C VAL A 135 -7.82 -4.06 9.41
N THR A 136 -7.74 -5.16 8.69
CA THR A 136 -7.26 -5.20 7.29
C THR A 136 -8.43 -5.42 6.35
N TRP A 137 -8.48 -4.62 5.28
CA TRP A 137 -9.45 -4.84 4.19
C TRP A 137 -8.76 -4.50 2.88
N HIS A 138 -9.40 -4.86 1.78
CA HIS A 138 -8.75 -4.79 0.46
C HIS A 138 -9.55 -3.91 -0.48
N HIS A 139 -8.87 -3.31 -1.43
CA HIS A 139 -9.58 -2.45 -2.39
C HIS A 139 -8.93 -2.51 -3.75
N TYR A 140 -9.77 -2.56 -4.79
N TYR A 140 -9.76 -2.54 -4.80
CA TYR A 140 -9.33 -2.42 -6.19
CA TYR A 140 -9.34 -2.46 -6.22
C TYR A 140 -10.34 -1.49 -6.84
C TYR A 140 -10.36 -1.64 -7.01
N TYR A 141 -9.92 -0.63 -7.76
CA TYR A 141 -10.84 0.27 -8.49
C TYR A 141 -11.58 -0.52 -9.57
N LEU A 142 -10.88 -1.45 -10.23
CA LEU A 142 -11.36 -1.99 -11.54
C LEU A 142 -11.07 -3.48 -11.66
N ASN A 143 -11.78 -4.12 -12.58
CA ASN A 143 -11.47 -5.48 -13.08
C ASN A 143 -10.38 -5.33 -14.14
N GLY A 144 -9.21 -5.96 -13.95
CA GLY A 144 -8.09 -5.90 -14.89
C GLY A 144 -8.50 -6.33 -16.30
N ARG A 145 -9.47 -7.23 -16.41
CA ARG A 145 -9.90 -7.76 -17.73
C ARG A 145 -10.61 -6.68 -18.53
N THR A 146 -11.32 -5.74 -17.91
CA THR A 146 -12.22 -4.81 -18.61
C THR A 146 -11.79 -3.36 -18.45
N ALA A 147 -10.83 -3.06 -17.57
CA ALA A 147 -10.37 -1.68 -17.32
C ALA A 147 -9.94 -1.05 -18.64
N THR A 148 -10.22 0.24 -18.79
CA THR A 148 -9.81 1.02 -19.97
C THR A 148 -8.84 2.09 -19.53
N ARG A 149 -8.11 2.63 -20.50
CA ARG A 149 -7.28 3.81 -20.26
C ARG A 149 -8.10 4.96 -19.69
N GLU A 150 -9.28 5.25 -20.24
CA GLU A 150 -10.11 6.37 -19.73
C GLU A 150 -10.44 6.15 -18.26
N ASP A 151 -10.67 4.91 -17.86
CA ASP A 151 -10.99 4.58 -16.44
C ASP A 151 -9.84 5.02 -15.53
N PHE A 152 -8.60 4.79 -15.97
CA PHE A 152 -7.40 5.12 -15.16
C PHE A 152 -7.28 6.63 -14.99
N LEU A 153 -7.90 7.44 -15.85
CA LEU A 153 -7.80 8.91 -15.82
C LEU A 153 -9.10 9.56 -15.33
N ASN A 154 -10.07 8.79 -14.88
CA ASN A 154 -11.43 9.31 -14.60
C ASN A 154 -11.59 9.63 -13.11
N PRO A 155 -11.73 10.92 -12.74
CA PRO A 155 -11.95 11.27 -11.34
C PRO A 155 -13.20 10.62 -10.72
N ASP A 156 -14.21 10.26 -11.52
CA ASP A 156 -15.42 9.57 -10.99
C ASP A 156 -15.05 8.15 -10.55
N VAL A 157 -14.09 7.54 -11.20
CA VAL A 157 -13.54 6.22 -10.78
C VAL A 157 -12.73 6.44 -9.49
N LEU A 158 -11.82 7.41 -9.46
CA LEU A 158 -10.99 7.67 -8.27
C LEU A 158 -11.90 7.93 -7.05
N ASP A 159 -12.98 8.71 -7.23
CA ASP A 159 -13.84 9.16 -6.12
C ASP A 159 -14.57 7.98 -5.44
N ILE A 160 -14.74 6.82 -6.10
CA ILE A 160 -15.50 5.67 -5.52
C ILE A 160 -14.76 5.16 -4.27
N PHE A 161 -13.45 5.31 -4.23
CA PHE A 161 -12.65 4.86 -3.06
C PHE A 161 -13.12 5.56 -1.80
N ILE A 162 -13.52 6.83 -1.89
CA ILE A 162 -13.98 7.61 -0.71
C ILE A 162 -15.15 6.89 -0.01
N SER A 163 -16.16 6.44 -0.75
CA SER A 163 -17.33 5.71 -0.20
C SER A 163 -16.92 4.35 0.38
N SER A 164 -15.96 3.64 -0.22
CA SER A 164 -15.49 2.37 0.38
C SER A 164 -14.91 2.69 1.76
N VAL A 165 -14.07 3.71 1.84
CA VAL A 165 -13.36 4.02 3.11
C VAL A 165 -14.40 4.40 4.18
N GLN A 166 -15.35 5.26 3.84
CA GLN A 166 -16.44 5.67 4.77
C GLN A 166 -17.21 4.43 5.26
N LYS A 167 -17.51 3.47 4.40
CA LYS A 167 -18.27 2.26 4.78
C LYS A 167 -17.48 1.40 5.76
N VAL A 168 -16.17 1.24 5.54
CA VAL A 168 -15.32 0.45 6.46
C VAL A 168 -15.29 1.15 7.82
N PHE A 169 -15.08 2.45 7.87
CA PHE A 169 -15.03 3.17 9.17
C PHE A 169 -16.40 3.10 9.85
N GLN A 170 -17.50 3.09 9.11
CA GLN A 170 -18.85 2.95 9.74
C GLN A 170 -18.91 1.62 10.49
N VAL A 171 -18.39 0.56 9.90
CA VAL A 171 -18.42 -0.79 10.54
C VAL A 171 -17.51 -0.76 11.76
N VAL A 172 -16.28 -0.24 11.62
CA VAL A 172 -15.30 -0.28 12.74
C VAL A 172 -15.79 0.62 13.89
N GLU A 173 -16.31 1.82 13.61
CA GLU A 173 -16.75 2.77 14.68
C GLU A 173 -17.93 2.14 15.46
N SER A 174 -18.69 1.24 14.84
CA SER A 174 -19.85 0.56 15.45
C SER A 174 -19.41 -0.61 16.35
N THR A 175 -18.16 -1.08 16.27
CA THR A 175 -17.77 -2.38 16.88
C THR A 175 -16.51 -2.26 17.72
N ARG A 176 -15.48 -1.60 17.21
CA ARG A 176 -14.16 -1.46 17.86
C ARG A 176 -13.66 -0.06 17.60
N PRO A 177 -14.32 0.96 18.17
CA PRO A 177 -13.95 2.35 17.91
C PRO A 177 -12.46 2.63 18.21
N GLY A 178 -11.77 3.33 17.31
CA GLY A 178 -10.34 3.64 17.51
C GLY A 178 -9.38 2.51 17.09
N LYS A 179 -9.84 1.34 16.71
CA LYS A 179 -8.94 0.28 16.21
C LYS A 179 -8.30 0.79 14.90
N LYS A 180 -7.00 0.57 14.70
CA LYS A 180 -6.31 1.04 13.48
C LYS A 180 -6.90 0.30 12.28
N VAL A 181 -6.98 0.99 11.15
CA VAL A 181 -7.54 0.41 9.91
C VAL A 181 -6.46 0.49 8.81
N TRP A 182 -6.15 -0.68 8.25
CA TRP A 182 -5.12 -0.92 7.20
C TRP A 182 -5.78 -1.41 5.91
N LEU A 183 -5.25 -0.96 4.78
CA LEU A 183 -5.45 -1.63 3.49
C LEU A 183 -4.42 -2.76 3.38
N GLY A 184 -4.90 -3.99 3.43
CA GLY A 184 -4.04 -5.18 3.47
C GLY A 184 -3.66 -5.73 2.13
N GLU A 185 -4.32 -5.26 1.07
CA GLU A 185 -4.01 -5.67 -0.33
C GLU A 185 -4.75 -4.69 -1.21
N THR A 186 -4.04 -3.92 -2.03
CA THR A 186 -4.74 -2.91 -2.85
C THR A 186 -3.96 -2.62 -4.10
N SER A 187 -4.69 -2.34 -5.17
N SER A 187 -4.68 -2.29 -5.17
CA SER A 187 -4.12 -2.03 -6.50
CA SER A 187 -4.06 -1.79 -6.42
C SER A 187 -5.17 -1.38 -7.39
C SER A 187 -5.13 -1.17 -7.31
N SER A 188 -4.74 -0.87 -8.55
CA SER A 188 -5.60 -0.32 -9.61
C SER A 188 -6.71 -1.31 -9.95
N ALA A 189 -6.34 -2.54 -10.26
CA ALA A 189 -7.24 -3.52 -10.87
C ALA A 189 -6.93 -4.91 -10.40
N TYR A 190 -7.98 -5.71 -10.18
CA TYR A 190 -7.84 -7.10 -9.68
C TYR A 190 -7.64 -8.02 -10.90
N GLY A 191 -7.44 -9.31 -10.66
CA GLY A 191 -7.13 -10.27 -11.73
C GLY A 191 -5.75 -10.00 -12.27
N GLY A 192 -4.85 -9.49 -11.44
CA GLY A 192 -3.43 -9.28 -11.78
C GLY A 192 -3.14 -7.97 -12.45
N GLY A 193 -4.13 -7.09 -12.61
CA GLY A 193 -3.90 -5.78 -13.21
C GLY A 193 -4.39 -5.69 -14.64
N ALA A 194 -4.49 -4.47 -15.14
CA ALA A 194 -4.99 -4.15 -16.49
C ALA A 194 -3.79 -4.18 -17.43
N PRO A 195 -3.74 -5.12 -18.39
CA PRO A 195 -2.63 -5.18 -19.34
C PRO A 195 -2.38 -3.83 -20.02
N LEU A 196 -1.10 -3.45 -20.11
CA LEU A 196 -0.58 -2.22 -20.72
C LEU A 196 -1.02 -0.97 -19.97
N LEU A 197 -1.66 -1.09 -18.78
CA LEU A 197 -2.10 0.10 -18.02
C LEU A 197 -1.52 0.08 -16.59
N SER A 198 -1.66 -1.03 -15.88
CA SER A 198 -1.32 -1.15 -14.43
C SER A 198 0.20 -1.03 -14.20
N ASP A 199 1.02 -1.20 -15.25
CA ASP A 199 2.50 -1.14 -15.16
C ASP A 199 3.02 0.13 -15.82
N THR A 200 2.21 1.16 -15.99
CA THR A 200 2.61 2.37 -16.73
C THR A 200 2.52 3.62 -15.85
N PHE A 201 2.96 4.73 -16.41
CA PHE A 201 2.85 6.05 -15.79
C PHE A 201 1.38 6.31 -15.44
N ALA A 202 0.45 5.82 -16.26
CA ALA A 202 -0.99 6.10 -16.08
C ALA A 202 -1.52 5.45 -14.80
N ALA A 203 -0.90 4.37 -14.35
CA ALA A 203 -1.21 3.73 -13.05
C ALA A 203 -1.02 4.70 -11.86
N GLY A 204 -0.18 5.72 -12.01
CA GLY A 204 0.24 6.56 -10.90
C GLY A 204 -0.86 7.47 -10.43
N PHE A 205 -1.83 7.81 -11.29
CA PHE A 205 -2.97 8.66 -10.85
C PHE A 205 -3.74 7.94 -9.74
N MET A 206 -4.10 6.68 -9.96
CA MET A 206 -4.83 5.88 -8.97
C MET A 206 -3.97 5.65 -7.73
N TRP A 207 -2.70 5.29 -7.91
CA TRP A 207 -1.84 4.98 -6.74
C TRP A 207 -1.63 6.22 -5.85
N LEU A 208 -1.25 7.36 -6.45
CA LEU A 208 -1.00 8.56 -5.64
C LEU A 208 -2.32 9.06 -5.02
N ASP A 209 -3.44 9.01 -5.76
CA ASP A 209 -4.74 9.43 -5.19
C ASP A 209 -5.13 8.53 -4.01
N LYS A 210 -4.95 7.21 -4.14
CA LYS A 210 -5.25 6.24 -3.05
C LYS A 210 -4.43 6.58 -1.80
N LEU A 211 -3.13 6.84 -1.98
CA LEU A 211 -2.26 7.19 -0.85
C LEU A 211 -2.76 8.51 -0.21
N GLY A 212 -3.05 9.50 -1.04
CA GLY A 212 -3.55 10.81 -0.55
C GLY A 212 -4.80 10.63 0.27
N LEU A 213 -5.77 9.89 -0.28
CA LEU A 213 -7.09 9.75 0.35
C LEU A 213 -6.95 8.87 1.59
N SER A 214 -6.15 7.82 1.50
CA SER A 214 -5.96 6.89 2.62
C SER A 214 -5.43 7.69 3.82
N ALA A 215 -4.41 8.51 3.59
CA ALA A 215 -3.76 9.29 4.66
C ALA A 215 -4.78 10.29 5.21
N ARG A 216 -5.50 10.96 4.30
CA ARG A 216 -6.43 12.05 4.68
C ARG A 216 -7.57 11.46 5.51
N MET A 217 -8.03 10.25 5.19
CA MET A 217 -9.26 9.69 5.78
C MET A 217 -8.99 8.83 7.00
N GLY A 218 -7.74 8.60 7.39
CA GLY A 218 -7.46 7.87 8.64
C GLY A 218 -6.99 6.45 8.47
N ILE A 219 -6.72 5.97 7.25
CA ILE A 219 -6.03 4.68 7.06
C ILE A 219 -4.55 4.83 7.42
N GLU A 220 -4.02 3.92 8.23
CA GLU A 220 -2.69 4.09 8.85
C GLU A 220 -1.58 3.43 8.01
N VAL A 221 -1.90 2.38 7.27
CA VAL A 221 -0.96 1.55 6.45
C VAL A 221 -1.71 1.09 5.20
N VAL A 222 -1.03 1.21 4.05
CA VAL A 222 -1.54 0.80 2.71
C VAL A 222 -0.58 -0.24 2.12
N MET A 223 -1.05 -1.45 1.91
CA MET A 223 -0.17 -2.53 1.36
C MET A 223 -0.43 -2.73 -0.14
N ARG A 224 0.52 -2.29 -0.94
CA ARG A 224 0.43 -2.35 -2.42
C ARG A 224 0.59 -3.78 -2.91
N GLN A 225 -0.43 -4.30 -3.57
CA GLN A 225 -0.37 -5.49 -4.46
C GLN A 225 0.23 -5.03 -5.80
N VAL A 226 1.44 -5.44 -6.20
CA VAL A 226 2.37 -6.31 -5.50
C VAL A 226 3.78 -5.74 -5.71
N PHE A 227 4.71 -6.02 -4.80
CA PHE A 227 6.10 -5.55 -5.00
C PHE A 227 6.68 -6.19 -6.28
N PHE A 228 6.47 -7.49 -6.42
CA PHE A 228 7.04 -8.36 -7.48
C PHE A 228 6.17 -9.60 -7.61
N GLY A 229 5.87 -10.00 -8.85
CA GLY A 229 5.10 -11.22 -9.09
C GLY A 229 4.22 -11.15 -10.30
N ALA A 230 3.31 -12.11 -10.37
CA ALA A 230 2.49 -12.44 -11.55
C ALA A 230 1.45 -11.35 -11.68
N GLY A 231 1.32 -10.80 -12.89
N GLY A 231 1.48 -10.52 -12.71
CA GLY A 231 0.42 -9.67 -13.24
CA GLY A 231 0.48 -9.45 -12.78
C GLY A 231 1.23 -8.53 -13.83
C GLY A 231 1.16 -8.09 -12.87
N ASN A 232 0.66 -7.33 -13.82
CA ASN A 232 1.37 -6.10 -14.24
C ASN A 232 1.00 -4.92 -13.32
N TYR A 233 0.42 -5.18 -12.15
CA TYR A 233 0.34 -4.15 -11.10
C TYR A 233 1.60 -4.22 -10.24
N HIS A 234 2.55 -5.08 -10.62
CA HIS A 234 3.83 -5.15 -9.86
C HIS A 234 4.53 -3.79 -9.88
N LEU A 235 5.29 -3.45 -8.82
CA LEU A 235 6.19 -2.27 -8.80
C LEU A 235 7.49 -2.58 -9.56
N VAL A 236 7.87 -3.86 -9.58
CA VAL A 236 9.13 -4.34 -10.21
C VAL A 236 8.82 -5.48 -11.19
N ASP A 237 9.31 -5.37 -12.42
CA ASP A 237 8.95 -6.31 -13.49
C ASP A 237 9.82 -7.57 -13.39
N GLU A 238 9.56 -8.52 -14.29
CA GLU A 238 10.19 -9.87 -14.35
C GLU A 238 11.72 -9.75 -14.48
N ASN A 239 12.25 -8.66 -15.01
CA ASN A 239 13.71 -8.41 -15.15
C ASN A 239 14.27 -7.70 -13.92
N PHE A 240 13.50 -7.60 -12.83
CA PHE A 240 13.87 -6.85 -11.62
C PHE A 240 14.13 -5.36 -11.93
N ASP A 241 13.46 -4.80 -12.93
CA ASP A 241 13.56 -3.35 -13.26
C ASP A 241 12.35 -2.63 -12.71
N PRO A 242 12.54 -1.45 -12.08
CA PRO A 242 11.41 -0.71 -11.50
C PRO A 242 10.53 -0.03 -12.56
N LEU A 243 9.22 -0.13 -12.32
CA LEU A 243 8.19 0.53 -13.14
C LEU A 243 7.86 1.90 -12.54
N PRO A 244 7.12 2.74 -13.27
CA PRO A 244 6.82 4.10 -12.79
C PRO A 244 6.25 4.16 -11.36
N ASP A 245 5.38 3.22 -10.98
CA ASP A 245 4.82 3.23 -9.61
C ASP A 245 5.92 2.96 -8.56
N TYR A 246 6.99 2.25 -8.89
CA TYR A 246 8.10 2.08 -7.93
C TYR A 246 8.70 3.46 -7.67
N TRP A 247 9.01 4.20 -8.73
CA TRP A 247 9.66 5.52 -8.61
C TRP A 247 8.72 6.46 -7.84
N LEU A 248 7.46 6.43 -8.18
CA LEU A 248 6.47 7.29 -7.46
C LEU A 248 6.48 6.92 -5.97
N SER A 249 6.49 5.63 -5.66
CA SER A 249 6.50 5.09 -4.28
C SER A 249 7.75 5.57 -3.55
N LEU A 250 8.90 5.51 -4.23
CA LEU A 250 10.17 5.90 -3.60
C LEU A 250 10.15 7.40 -3.31
N LEU A 251 9.71 8.21 -4.27
CA LEU A 251 9.65 9.68 -4.09
C LEU A 251 8.69 10.01 -2.93
N PHE A 252 7.56 9.32 -2.85
CA PHE A 252 6.51 9.53 -1.81
C PHE A 252 7.18 9.31 -0.47
N LYS A 253 7.92 8.21 -0.38
CA LYS A 253 8.64 7.80 0.86
C LYS A 253 9.67 8.87 1.25
N LYS A 254 10.40 9.45 0.30
CA LYS A 254 11.50 10.41 0.60
C LYS A 254 10.93 11.76 1.06
N LEU A 255 9.72 12.14 0.62
CA LEU A 255 9.22 13.53 0.76
C LEU A 255 8.09 13.65 1.79
N VAL A 256 7.25 12.63 1.95
CA VAL A 256 5.96 12.76 2.64
C VAL A 256 6.09 12.25 4.07
N GLY A 257 5.76 13.11 5.05
CA GLY A 257 5.88 12.81 6.49
C GLY A 257 4.68 12.08 7.04
N THR A 258 4.72 11.70 8.31
CA THR A 258 3.66 10.92 8.98
C THR A 258 2.49 11.80 9.39
N LYS A 259 2.67 13.09 9.54
CA LYS A 259 1.58 13.98 10.02
C LYS A 259 0.82 14.48 8.80
N VAL A 260 -0.46 14.17 8.78
CA VAL A 260 -1.34 14.46 7.65
C VAL A 260 -2.07 15.79 7.93
N LEU A 261 -2.06 16.68 6.96
CA LEU A 261 -2.80 17.96 6.98
C LEU A 261 -3.83 17.94 5.87
N MET A 262 -4.28 19.08 5.39
CA MET A 262 -5.34 19.13 4.38
C MET A 262 -5.05 20.26 3.40
N ALA A 263 -5.32 20.01 2.13
CA ALA A 263 -5.27 21.03 1.06
C ALA A 263 -6.55 20.91 0.28
N SER A 264 -6.99 22.02 -0.26
CA SER A 264 -8.16 22.00 -1.17
C SER A 264 -8.06 23.16 -2.14
N VAL A 265 -8.77 23.02 -3.24
CA VAL A 265 -8.74 24.05 -4.31
C VAL A 265 -9.98 24.94 -4.16
N GLN A 266 -9.77 26.24 -3.99
CA GLN A 266 -10.86 27.26 -3.94
C GLN A 266 -11.69 27.14 -5.21
N GLY A 267 -13.01 27.21 -5.11
CA GLY A 267 -13.91 27.02 -6.25
C GLY A 267 -14.60 25.67 -6.18
N SER A 268 -15.73 25.57 -6.89
CA SER A 268 -16.72 24.45 -6.85
C SER A 268 -16.22 23.20 -7.60
N LYS A 269 -15.07 23.26 -8.28
CA LYS A 269 -14.56 22.14 -9.12
C LYS A 269 -13.32 21.58 -8.43
N ARG A 270 -13.47 20.39 -7.85
CA ARG A 270 -12.44 19.71 -7.04
C ARG A 270 -12.21 18.31 -7.61
N ARG A 271 -12.69 18.03 -8.83
CA ARG A 271 -12.66 16.66 -9.34
C ARG A 271 -11.26 16.40 -9.95
N LYS A 272 -10.81 17.24 -10.89
CA LYS A 272 -9.69 16.83 -11.79
C LYS A 272 -8.36 17.34 -11.26
N LEU A 273 -8.35 18.32 -10.36
CA LEU A 273 -7.13 18.78 -9.69
C LEU A 273 -7.21 18.31 -8.23
N ARG A 274 -6.35 17.38 -7.83
CA ARG A 274 -6.44 16.64 -6.56
C ARG A 274 -5.20 16.99 -5.73
N VAL A 275 -5.39 17.49 -4.52
CA VAL A 275 -4.27 18.02 -3.70
C VAL A 275 -4.27 17.39 -2.29
N TYR A 276 -3.07 17.15 -1.77
CA TYR A 276 -2.79 16.50 -0.47
C TYR A 276 -1.66 17.24 0.20
N LEU A 277 -1.67 17.27 1.53
CA LEU A 277 -0.65 18.06 2.27
C LEU A 277 -0.31 17.32 3.54
N HIS A 278 0.98 17.07 3.72
CA HIS A 278 1.54 16.50 4.96
C HIS A 278 2.68 17.40 5.42
N CYS A 279 3.14 17.16 6.63
CA CYS A 279 4.47 17.62 7.06
C CYS A 279 5.48 16.92 6.14
N THR A 280 6.60 17.56 5.87
CA THR A 280 7.72 16.95 5.15
C THR A 280 8.34 15.85 5.99
N ASN A 281 8.78 14.76 5.36
CA ASN A 281 9.51 13.66 6.03
C ASN A 281 10.80 14.24 6.67
N THR A 282 10.88 14.22 7.99
CA THR A 282 11.99 14.81 8.80
C THR A 282 13.30 14.07 8.53
N ASP A 283 13.25 12.84 8.03
CA ASP A 283 14.45 12.01 7.77
C ASP A 283 15.14 12.50 6.50
N ASN A 284 14.47 13.33 5.71
CA ASN A 284 15.05 13.91 4.48
C ASN A 284 16.08 14.96 4.88
N PRO A 285 17.36 14.72 4.54
CA PRO A 285 18.43 15.56 5.04
C PRO A 285 18.40 16.95 4.42
N ARG A 286 17.67 17.20 3.31
CA ARG A 286 17.60 18.56 2.73
C ARG A 286 16.68 19.48 3.56
N TYR A 287 15.71 18.91 4.27
CA TYR A 287 14.57 19.70 4.81
C TYR A 287 14.65 19.77 6.33
N LYS A 288 13.78 20.56 6.92
CA LYS A 288 13.90 20.85 8.37
C LYS A 288 12.51 20.84 9.00
N GLU A 289 12.46 20.68 10.31
CA GLU A 289 11.22 20.71 11.10
C GLU A 289 10.41 21.90 10.63
N GLY A 290 9.12 21.71 10.37
CA GLY A 290 8.20 22.80 9.99
C GLY A 290 7.92 22.84 8.51
N ASP A 291 8.72 22.18 7.68
CA ASP A 291 8.53 22.18 6.19
C ASP A 291 7.26 21.36 5.85
N LEU A 292 6.59 21.74 4.76
CA LEU A 292 5.39 21.06 4.23
C LEU A 292 5.72 20.32 2.94
N THR A 293 5.05 19.18 2.74
CA THR A 293 5.02 18.52 1.41
C THR A 293 3.60 18.53 0.86
N LEU A 294 3.42 19.25 -0.24
CA LEU A 294 2.16 19.22 -1.04
C LEU A 294 2.36 18.20 -2.15
N TYR A 295 1.34 17.41 -2.50
CA TYR A 295 1.40 16.59 -3.71
C TYR A 295 0.10 16.79 -4.44
N ALA A 296 0.18 16.80 -5.75
CA ALA A 296 -0.97 17.18 -6.59
C ALA A 296 -1.03 16.31 -7.83
N ILE A 297 -2.27 16.06 -8.24
CA ILE A 297 -2.59 15.29 -9.46
C ILE A 297 -3.38 16.23 -10.38
N ASN A 298 -2.95 16.31 -11.63
CA ASN A 298 -3.70 17.11 -12.63
C ASN A 298 -4.27 16.19 -13.69
N LEU A 299 -5.58 15.99 -13.65
CA LEU A 299 -6.29 15.14 -14.64
C LEU A 299 -6.99 16.04 -15.67
N HIS A 300 -6.70 17.33 -15.66
CA HIS A 300 -7.16 18.25 -16.73
C HIS A 300 -6.26 18.04 -17.96
N ASN A 301 -6.71 18.49 -19.13
CA ASN A 301 -5.94 18.30 -20.38
C ASN A 301 -5.11 19.56 -20.69
N VAL A 302 -4.99 20.49 -19.73
CA VAL A 302 -4.14 21.70 -19.80
C VAL A 302 -3.35 21.79 -18.51
N THR A 303 -2.22 22.48 -18.56
CA THR A 303 -1.40 22.87 -17.41
C THR A 303 -2.28 23.68 -16.44
N LYS A 304 -2.17 23.42 -15.15
CA LYS A 304 -2.73 24.30 -14.10
C LYS A 304 -1.59 24.93 -13.33
N TYR A 305 -1.86 26.10 -12.76
CA TYR A 305 -0.86 26.89 -12.02
C TYR A 305 -1.40 27.11 -10.61
N LEU A 306 -0.75 26.51 -9.63
CA LEU A 306 -1.22 26.53 -8.23
C LEU A 306 -0.59 27.71 -7.49
N ARG A 307 -1.40 28.49 -6.77
CA ARG A 307 -0.90 29.57 -5.90
C ARG A 307 -1.03 29.14 -4.44
N LEU A 308 0.06 29.23 -3.70
CA LEU A 308 0.12 28.89 -2.26
C LEU A 308 -0.49 30.03 -1.46
N PRO A 309 -1.22 29.73 -0.36
CA PRO A 309 -1.81 30.76 0.50
C PRO A 309 -0.79 31.39 1.44
N TYR A 310 -1.08 32.62 1.91
CA TYR A 310 -0.37 33.25 3.04
C TYR A 310 -0.37 32.29 4.23
N PRO A 311 0.73 32.14 5.00
CA PRO A 311 1.99 32.85 4.78
C PRO A 311 3.09 32.07 4.03
N PHE A 312 2.73 31.34 2.97
CA PHE A 312 3.64 30.41 2.26
C PHE A 312 3.89 30.92 0.84
N SER A 313 3.24 32.01 0.44
CA SER A 313 3.22 32.55 -0.93
C SER A 313 4.63 32.84 -1.46
N ASN A 314 5.60 33.22 -0.63
CA ASN A 314 6.93 33.69 -1.09
C ASN A 314 8.07 32.74 -0.66
N LYS A 315 7.72 31.57 -0.15
CA LYS A 315 8.70 30.59 0.36
C LYS A 315 9.45 29.95 -0.82
N GLN A 316 10.66 29.47 -0.57
CA GLN A 316 11.39 28.63 -1.53
C GLN A 316 10.61 27.31 -1.62
N VAL A 317 10.20 26.93 -2.82
CA VAL A 317 9.58 25.60 -3.11
C VAL A 317 10.52 24.74 -3.99
N ASP A 318 10.70 23.49 -3.61
CA ASP A 318 11.34 22.45 -4.48
C ASP A 318 10.26 21.64 -5.19
N LYS A 319 10.34 21.59 -6.51
CA LYS A 319 9.44 20.82 -7.38
C LYS A 319 10.03 19.42 -7.62
N TYR A 320 9.17 18.43 -7.60
CA TYR A 320 9.50 17.03 -7.96
C TYR A 320 8.38 16.54 -8.87
N LEU A 321 8.47 16.88 -10.16
CA LEU A 321 7.41 16.62 -11.15
C LEU A 321 7.75 15.33 -11.93
N LEU A 322 6.82 14.39 -12.00
CA LEU A 322 6.95 13.10 -12.72
C LEU A 322 6.19 13.23 -14.03
N ARG A 323 6.89 12.93 -15.13
CA ARG A 323 6.31 12.83 -16.49
C ARG A 323 6.83 11.60 -17.19
N PRO A 324 6.04 11.01 -18.10
CA PRO A 324 6.50 9.81 -18.80
C PRO A 324 7.62 10.13 -19.79
N LEU A 325 8.50 9.17 -19.98
CA LEU A 325 9.50 9.17 -21.09
C LEU A 325 8.84 8.62 -22.35
N GLY A 326 9.00 9.30 -23.47
CA GLY A 326 8.24 8.98 -24.69
C GLY A 326 8.84 7.72 -25.31
N PRO A 327 8.29 7.17 -26.39
CA PRO A 327 7.17 7.77 -27.14
C PRO A 327 5.73 7.43 -26.75
N HIS A 328 5.53 6.57 -25.73
CA HIS A 328 4.22 5.96 -25.41
C HIS A 328 3.42 6.76 -24.38
N GLY A 329 3.83 7.98 -24.06
CA GLY A 329 2.96 8.91 -23.31
C GLY A 329 2.59 8.30 -21.96
N LEU A 330 1.33 8.37 -21.60
CA LEU A 330 0.90 7.85 -20.28
C LEU A 330 1.04 6.34 -20.26
N LEU A 331 1.13 5.68 -21.43
CA LEU A 331 1.30 4.19 -21.46
C LEU A 331 2.78 3.83 -21.42
N SER A 332 3.64 4.80 -21.13
CA SER A 332 5.09 4.54 -20.94
C SER A 332 5.39 3.76 -19.66
N LYS A 333 6.43 2.88 -19.68
CA LYS A 333 6.94 2.17 -18.47
C LYS A 333 8.20 2.87 -17.94
N SER A 334 8.54 4.04 -18.48
CA SER A 334 9.67 4.87 -18.05
C SER A 334 9.18 6.27 -17.64
N VAL A 335 9.80 6.85 -16.63
CA VAL A 335 9.36 8.14 -16.05
C VAL A 335 10.58 9.04 -15.88
N GLN A 336 10.36 10.33 -16.05
CA GLN A 336 11.37 11.36 -15.78
C GLN A 336 10.98 12.16 -14.55
N LEU A 337 11.94 12.45 -13.70
CA LEU A 337 11.79 13.42 -12.59
C LEU A 337 12.41 14.75 -12.99
N ASN A 338 11.61 15.79 -13.15
CA ASN A 338 12.10 17.15 -13.52
C ASN A 338 12.97 17.03 -14.80
N GLY A 339 12.54 16.18 -15.74
CA GLY A 339 13.13 16.00 -17.08
C GLY A 339 14.33 15.05 -17.09
N LEU A 340 14.61 14.29 -16.03
CA LEU A 340 15.74 13.32 -15.94
C LEU A 340 15.13 11.93 -15.78
N THR A 341 15.38 11.04 -16.72
CA THR A 341 14.90 9.63 -16.64
C THR A 341 15.42 8.99 -15.34
N LEU A 342 14.50 8.35 -14.63
CA LEU A 342 14.82 7.60 -13.40
C LEU A 342 15.19 6.18 -13.78
N LYS A 343 16.44 5.84 -13.45
CA LYS A 343 17.05 4.53 -13.70
C LYS A 343 18.03 4.23 -12.58
N MET A 344 18.16 2.95 -12.24
N MET A 344 18.14 2.95 -12.21
CA MET A 344 19.19 2.45 -11.32
CA MET A 344 19.15 2.46 -11.22
C MET A 344 20.55 2.98 -11.79
C MET A 344 20.53 2.87 -11.73
N VAL A 345 21.42 3.34 -10.85
CA VAL A 345 22.84 3.64 -11.20
C VAL A 345 23.51 2.29 -11.50
N ASP A 346 23.31 1.30 -10.63
CA ASP A 346 23.68 -0.10 -10.92
C ASP A 346 22.76 -0.98 -10.06
N ASP A 347 22.96 -2.30 -10.07
CA ASP A 347 22.09 -3.27 -9.35
C ASP A 347 22.10 -2.98 -7.84
N GLN A 348 23.08 -2.22 -7.34
CA GLN A 348 23.22 -2.01 -5.87
C GLN A 348 22.86 -0.57 -5.48
N THR A 349 22.56 0.32 -6.44
CA THR A 349 22.59 1.79 -6.25
C THR A 349 21.37 2.47 -6.88
N LEU A 350 20.46 2.96 -6.04
CA LEU A 350 19.37 3.88 -6.46
C LEU A 350 19.94 5.24 -6.82
N PRO A 351 19.33 5.95 -7.77
CA PRO A 351 19.81 7.27 -8.15
C PRO A 351 19.37 8.28 -7.10
N PRO A 352 19.99 9.47 -7.11
CA PRO A 352 19.50 10.60 -6.32
C PRO A 352 18.17 11.03 -6.97
N LEU A 353 17.28 11.59 -6.17
CA LEU A 353 15.98 12.10 -6.65
C LEU A 353 16.05 13.62 -6.60
N MET A 354 16.37 14.22 -7.73
CA MET A 354 16.92 15.60 -7.73
C MET A 354 15.77 16.58 -7.82
N GLU A 355 15.72 17.51 -6.87
CA GLU A 355 14.69 18.55 -6.80
C GLU A 355 14.91 19.58 -7.91
N LYS A 356 13.91 20.38 -8.21
CA LYS A 356 14.04 21.59 -9.06
C LYS A 356 13.56 22.77 -8.23
N PRO A 357 14.47 23.62 -7.68
CA PRO A 357 14.06 24.79 -6.93
C PRO A 357 13.31 25.76 -7.85
N LEU A 358 12.16 26.27 -7.40
CA LEU A 358 11.39 27.27 -8.17
C LEU A 358 11.74 28.68 -7.70
N ARG A 359 11.48 29.68 -8.54
CA ARG A 359 11.73 31.08 -8.12
C ARG A 359 10.72 31.41 -7.03
N PRO A 360 11.18 31.87 -5.83
CA PRO A 360 10.27 32.25 -4.76
C PRO A 360 9.17 33.19 -5.27
N GLY A 361 7.91 32.91 -4.89
CA GLY A 361 6.72 33.69 -5.27
C GLY A 361 6.15 33.31 -6.63
N SER A 362 6.71 32.34 -7.33
CA SER A 362 6.13 31.82 -8.59
C SER A 362 5.00 30.82 -8.29
N SER A 363 4.03 30.72 -9.19
CA SER A 363 2.93 29.74 -9.10
C SER A 363 3.52 28.37 -9.46
N LEU A 364 2.91 27.31 -8.94
CA LEU A 364 3.41 25.92 -9.10
C LEU A 364 2.78 25.35 -10.39
N GLY A 365 3.59 25.18 -11.45
CA GLY A 365 3.12 24.65 -12.74
C GLY A 365 2.89 23.14 -12.68
N LEU A 366 1.69 22.68 -13.02
CA LEU A 366 1.39 21.24 -13.07
C LEU A 366 0.85 20.92 -14.45
N PRO A 367 1.66 20.31 -15.34
CA PRO A 367 1.20 19.99 -16.69
C PRO A 367 0.00 19.07 -16.68
N ALA A 368 -0.77 19.11 -17.78
CA ALA A 368 -1.80 18.11 -18.07
C ALA A 368 -1.33 16.68 -17.76
N PHE A 369 -2.23 15.88 -17.20
CA PHE A 369 -2.03 14.43 -16.95
C PHE A 369 -0.66 14.22 -16.36
N SER A 370 -0.40 14.86 -15.23
CA SER A 370 0.87 14.69 -14.49
C SER A 370 0.59 14.65 -12.98
N TYR A 371 1.62 14.34 -12.19
CA TYR A 371 1.58 14.45 -10.72
C TYR A 371 2.95 14.96 -10.28
N SER A 372 2.95 15.65 -9.17
CA SER A 372 4.17 16.31 -8.65
C SER A 372 4.09 16.41 -7.14
N PHE A 373 5.25 16.41 -6.51
CA PHE A 373 5.42 16.82 -5.11
C PHE A 373 6.02 18.21 -5.12
N PHE A 374 5.74 18.98 -4.08
CA PHE A 374 6.30 20.34 -3.86
C PHE A 374 6.61 20.46 -2.37
N VAL A 375 7.87 20.65 -2.04
CA VAL A 375 8.32 20.90 -0.64
C VAL A 375 8.43 22.41 -0.43
N ILE A 376 7.70 22.90 0.56
CA ILE A 376 7.68 24.34 0.96
C ILE A 376 8.71 24.49 2.09
N ARG A 377 9.86 25.07 1.74
CA ARG A 377 11.03 25.20 2.65
C ARG A 377 10.81 26.38 3.60
N ASN A 378 11.22 26.16 4.86
CA ASN A 378 11.09 27.19 5.93
C ASN A 378 9.61 27.55 6.11
N ALA A 379 8.70 26.58 5.94
CA ALA A 379 7.25 26.82 6.13
C ALA A 379 7.00 27.14 7.62
N LYS A 380 7.86 26.65 8.49
CA LYS A 380 7.81 26.87 9.97
C LYS A 380 6.42 26.53 10.52
N VAL A 381 5.86 25.38 10.12
CA VAL A 381 4.51 24.98 10.61
C VAL A 381 4.73 24.32 11.98
N ALA A 382 4.21 24.94 13.04
CA ALA A 382 4.32 24.46 14.43
C ALA A 382 3.81 23.03 14.55
N ALA A 383 2.70 22.69 13.86
CA ALA A 383 2.08 21.35 13.91
C ALA A 383 3.06 20.29 13.44
N CYS A 384 4.05 20.67 12.64
CA CYS A 384 5.06 19.74 12.04
C CYS A 384 6.27 19.72 12.98
N ILE A 385 6.06 20.17 14.24
CA ILE A 385 7.03 20.38 15.36
C ILE A 385 8.31 21.05 14.81
N GLN B 1 -8.15 31.26 -16.90
CA GLN B 1 -6.70 31.67 -16.93
C GLN B 1 -5.81 30.51 -16.42
N ASP B 2 -6.42 29.41 -15.92
CA ASP B 2 -5.79 28.12 -15.51
C ASP B 2 -5.01 28.28 -14.19
N VAL B 3 -5.21 29.40 -13.49
CA VAL B 3 -4.57 29.65 -12.18
C VAL B 3 -5.56 29.17 -11.12
N VAL B 4 -5.06 28.57 -10.05
CA VAL B 4 -5.94 27.94 -9.02
C VAL B 4 -5.35 28.26 -7.66
N ASP B 5 -6.20 28.69 -6.74
CA ASP B 5 -5.75 29.10 -5.40
C ASP B 5 -5.93 27.87 -4.48
N LEU B 6 -4.93 27.57 -3.67
CA LEU B 6 -5.03 26.48 -2.68
C LEU B 6 -5.35 27.06 -1.30
N ASP B 7 -6.20 26.36 -0.53
CA ASP B 7 -6.38 26.58 0.92
C ASP B 7 -5.68 25.45 1.71
N PHE B 8 -4.92 25.78 2.75
CA PHE B 8 -4.18 24.81 3.58
C PHE B 8 -4.71 24.86 5.01
N PHE B 9 -4.94 23.70 5.60
CA PHE B 9 -5.19 23.54 7.05
C PHE B 9 -3.89 23.05 7.67
N THR B 10 -3.29 23.84 8.53
CA THR B 10 -1.95 23.56 9.13
C THR B 10 -1.95 23.68 10.65
N GLN B 11 -3.13 23.86 11.27
N GLN B 11 -3.09 23.83 11.32
CA GLN B 11 -3.30 24.11 12.73
CA GLN B 11 -3.07 24.19 12.76
C GLN B 11 -2.71 22.95 13.53
C GLN B 11 -2.75 22.95 13.62
N GLU B 12 -3.07 21.74 13.16
CA GLU B 12 -2.65 20.49 13.86
C GLU B 12 -2.71 19.33 12.89
N PRO B 13 -1.98 18.23 13.18
CA PRO B 13 -2.12 17.02 12.38
C PRO B 13 -3.54 16.49 12.47
N LEU B 14 -4.12 16.14 11.33
CA LEU B 14 -5.47 15.56 11.29
C LEU B 14 -5.40 14.06 11.53
N HIS B 15 -4.30 13.44 11.11
CA HIS B 15 -4.02 12.01 11.30
C HIS B 15 -2.52 11.83 11.36
N LEU B 16 -2.10 10.70 11.91
CA LEU B 16 -0.69 10.28 11.92
C LEU B 16 -0.63 8.92 11.25
N VAL B 17 0.07 8.82 10.13
CA VAL B 17 0.23 7.51 9.45
C VAL B 17 1.49 6.86 10.00
N SER B 18 1.55 5.56 9.85
CA SER B 18 2.76 4.78 10.20
C SER B 18 3.90 5.28 9.35
N PRO B 19 5.15 5.27 9.89
CA PRO B 19 6.32 5.44 9.04
C PRO B 19 6.32 4.43 7.87
N SER B 20 5.64 3.30 8.06
CA SER B 20 5.50 2.21 7.08
C SER B 20 4.18 2.40 6.29
N PHE B 21 3.63 3.60 6.27
CA PHE B 21 2.34 3.87 5.58
C PHE B 21 2.33 3.22 4.19
N LEU B 22 3.37 3.41 3.39
CA LEU B 22 3.41 2.83 2.04
C LEU B 22 4.14 1.49 2.17
N SER B 23 3.37 0.43 2.22
CA SER B 23 3.82 -0.97 2.38
C SER B 23 3.52 -1.76 1.11
N VAL B 24 3.91 -3.02 1.09
CA VAL B 24 3.88 -3.84 -0.15
C VAL B 24 3.53 -5.28 0.22
N THR B 25 3.09 -6.02 -0.78
CA THR B 25 2.82 -7.46 -0.67
C THR B 25 3.81 -8.24 -1.53
N ILE B 26 3.96 -9.50 -1.19
CA ILE B 26 4.41 -10.58 -2.10
C ILE B 26 3.30 -11.62 -2.02
N ASP B 27 2.76 -12.01 -3.18
CA ASP B 27 1.59 -12.88 -3.22
C ASP B 27 2.03 -14.28 -2.74
N ALA B 28 1.21 -14.90 -1.90
CA ALA B 28 1.39 -16.30 -1.45
C ALA B 28 1.68 -17.19 -2.66
N ASN B 29 1.11 -16.88 -3.81
CA ASN B 29 1.28 -17.75 -4.99
C ASN B 29 2.73 -17.78 -5.46
N LEU B 30 3.53 -16.76 -5.16
CA LEU B 30 4.93 -16.76 -5.63
C LEU B 30 5.69 -17.94 -5.02
N ALA B 31 5.29 -18.45 -3.86
CA ALA B 31 5.97 -19.58 -3.19
C ALA B 31 5.73 -20.88 -3.96
N THR B 32 4.78 -20.90 -4.91
CA THR B 32 4.54 -22.07 -5.78
C THR B 32 5.39 -21.98 -7.06
N ASP B 33 6.11 -20.88 -7.29
CA ASP B 33 7.06 -20.77 -8.41
C ASP B 33 8.29 -21.60 -8.04
N PRO B 34 8.71 -22.55 -8.91
CA PRO B 34 9.97 -23.28 -8.74
C PRO B 34 11.22 -22.44 -8.49
N ARG B 35 11.21 -21.19 -8.97
CA ARG B 35 12.38 -20.27 -8.90
C ARG B 35 12.27 -19.29 -7.70
N PHE B 36 11.41 -19.57 -6.72
CA PHE B 36 11.15 -18.70 -5.53
C PHE B 36 12.48 -18.31 -4.87
N LEU B 37 13.34 -19.30 -4.63
CA LEU B 37 14.66 -19.03 -3.99
C LEU B 37 15.49 -18.09 -4.87
N ILE B 38 15.55 -18.34 -6.17
CA ILE B 38 16.37 -17.50 -7.10
C ILE B 38 15.82 -16.07 -7.10
N LEU B 39 14.52 -15.94 -7.25
CA LEU B 39 13.83 -14.62 -7.34
C LEU B 39 14.11 -13.76 -6.10
N LEU B 40 13.78 -14.24 -4.91
CA LEU B 40 13.92 -13.47 -3.67
C LEU B 40 15.40 -13.39 -3.26
N GLY B 41 16.29 -14.23 -3.81
CA GLY B 41 17.74 -14.05 -3.54
C GLY B 41 18.40 -13.00 -4.43
N SER B 42 17.68 -12.46 -5.43
CA SER B 42 18.21 -11.51 -6.43
C SER B 42 18.74 -10.25 -5.74
N PRO B 43 20.05 -9.96 -5.79
CA PRO B 43 20.58 -8.72 -5.22
C PRO B 43 19.90 -7.45 -5.76
N LYS B 44 19.59 -7.43 -7.04
CA LYS B 44 18.92 -6.28 -7.72
C LYS B 44 17.54 -6.05 -7.08
N LEU B 45 16.79 -7.13 -6.86
CA LEU B 45 15.44 -7.03 -6.25
C LEU B 45 15.58 -6.55 -4.81
N ARG B 46 16.57 -7.06 -4.09
CA ARG B 46 16.73 -6.66 -2.68
C ARG B 46 17.10 -5.18 -2.59
N THR B 47 17.87 -4.65 -3.53
CA THR B 47 18.23 -3.22 -3.54
C THR B 47 16.93 -2.39 -3.65
N LEU B 48 16.05 -2.80 -4.56
CA LEU B 48 14.77 -2.07 -4.76
C LEU B 48 13.89 -2.19 -3.49
N ALA B 49 13.86 -3.36 -2.87
CA ALA B 49 13.07 -3.59 -1.63
C ALA B 49 13.60 -2.70 -0.51
N ARG B 50 14.93 -2.64 -0.32
CA ARG B 50 15.57 -1.79 0.72
C ARG B 50 15.17 -0.33 0.49
N GLY B 51 15.03 0.08 -0.77
CA GLY B 51 14.61 1.45 -1.10
C GLY B 51 13.27 1.83 -0.45
N LEU B 52 12.40 0.87 -0.16
CA LEU B 52 11.05 1.21 0.37
C LEU B 52 10.99 0.99 1.88
N SER B 53 12.09 0.56 2.50
CA SER B 53 12.16 0.46 3.97
C SER B 53 12.05 1.85 4.61
N PRO B 54 11.29 2.06 5.70
CA PRO B 54 10.58 1.02 6.43
C PRO B 54 9.24 0.74 5.75
N ALA B 55 8.87 -0.52 5.77
CA ALA B 55 7.60 -1.02 5.23
C ALA B 55 7.28 -2.39 5.80
N TYR B 56 5.99 -2.67 5.87
CA TYR B 56 5.49 -4.06 5.99
C TYR B 56 5.61 -4.76 4.66
N LEU B 57 5.89 -6.07 4.72
CA LEU B 57 5.82 -6.99 3.57
C LEU B 57 4.79 -8.03 3.92
N ARG B 58 3.60 -7.93 3.31
CA ARG B 58 2.55 -8.92 3.53
C ARG B 58 2.76 -10.08 2.55
N PHE B 59 3.00 -11.27 3.09
CA PHE B 59 3.04 -12.54 2.36
C PHE B 59 1.65 -13.15 2.44
N GLY B 60 0.88 -13.00 1.36
CA GLY B 60 -0.54 -13.37 1.39
C GLY B 60 -1.17 -13.22 0.02
N GLY B 61 -2.27 -13.90 -0.17
CA GLY B 61 -2.99 -13.85 -1.44
C GLY B 61 -4.07 -14.90 -1.43
N THR B 62 -4.76 -15.08 -2.55
CA THR B 62 -5.77 -16.16 -2.61
C THR B 62 -5.17 -17.49 -2.12
N LYS B 63 -3.92 -17.80 -2.53
CA LYS B 63 -3.23 -19.08 -2.24
C LYS B 63 -2.94 -19.20 -0.73
N THR B 64 -3.01 -18.11 0.05
CA THR B 64 -2.87 -18.18 1.54
C THR B 64 -3.70 -19.37 2.10
N ASP B 65 -4.91 -19.55 1.56
CA ASP B 65 -5.88 -20.53 2.11
C ASP B 65 -5.76 -21.89 1.40
N PHE B 66 -4.71 -22.09 0.61
CA PHE B 66 -4.42 -23.32 -0.14
C PHE B 66 -2.96 -23.68 0.03
N LEU B 67 -2.31 -23.13 1.05
CA LEU B 67 -0.90 -23.48 1.36
C LEU B 67 -0.85 -24.23 2.69
N ILE B 68 -0.12 -25.34 2.70
CA ILE B 68 0.09 -26.19 3.90
C ILE B 68 1.60 -26.30 4.17
N PHE B 69 2.03 -25.98 5.39
CA PHE B 69 3.44 -26.11 5.85
C PHE B 69 3.72 -27.61 5.99
N ASP B 70 4.76 -28.10 5.36
CA ASP B 70 5.23 -29.51 5.48
C ASP B 70 6.67 -29.46 5.98
N PRO B 71 6.92 -29.65 7.30
CA PRO B 71 8.28 -29.57 7.85
C PRO B 71 9.27 -30.65 7.39
N LYS B 72 8.84 -31.63 6.59
CA LYS B 72 9.69 -32.73 6.04
C LYS B 72 10.16 -32.38 4.62
N LYS B 73 9.50 -31.46 3.93
CA LYS B 73 9.79 -31.15 2.50
C LYS B 73 11.17 -30.50 2.43
N GLU B 74 11.91 -30.74 1.34
CA GLU B 74 13.19 -30.05 1.04
C GLU B 74 12.94 -29.01 -0.05
#